data_1K4S
#
_entry.id   1K4S
#
_cell.length_a   73.235
_cell.length_b   73.235
_cell.length_c   186.632
_cell.angle_alpha   90.00
_cell.angle_beta   90.00
_cell.angle_gamma   120.00
#
_symmetry.space_group_name_H-M   'P 32'
#
loop_
_entity.id
_entity.type
_entity.pdbx_description
1 polymer "5'-D(*AP*AP*AP*AP*AP*GP*AP*CP*(5IU)P*(5IU))-3'"
2 polymer "5'-D(*(SPT)P*GP*AP*AP*AP*AP*AP*(5IU)P*(5IU)P*(5IU)P*(5IU)P*T)-3'"
3 polymer "5'-D(*AP*AP*AP*AP*AP*TP*(IDO)UP*(IDO)UP*(IDO)UP*(IDO)UP*CP*AP*AP*AP*GP*(IDO)UP*CP*(IDO)UP*(IDO)UP*(IDO)UP*(IDO)UP*T)-3'"
4 polymer 'DNA topoisomerase I'
#
loop_
_entity_poly.entity_id
_entity_poly.type
_entity_poly.pdbx_seq_one_letter_code
_entity_poly.pdbx_strand_id
1 'polydeoxyribonucleotide' (DA)(DA)(DA)(DA)(DA)(DG)(DA)(DC)(5IU)(5IU) B
2 'polydeoxyribonucleotide' (SPT)(DG)(DA)(DA)(DA)(DA)(DA)(5IU)(5IU)(5IU)(5IU)(DT) C
3 'polydeoxyribonucleotide'
;(DA)(DA)(DA)(DA)(DA)(DT)(5IU)(5IU)(5IU)(5IU)(DC)(DA)(DA)(DA)(DG)(5IU)(DC)(5IU)
(5IU)(5IU)(5IU)(DT)
;
D
4 'polypeptide(L)'
;KKPKNKDKDKKVPEPDNKKKKPKKEEEQKWKWWEEERYPEGIKWKFLEHKGPVFAPPYEPLPENVKFYYDGKVMKLSPKA
EEVATFFAKMLDHEYTTKEIFRKNFFKDWRKEMTNEEKNIITNLSKCDFTQMSQYFKAQTEARKQMSKEEKLKIKEENEK
LLKEYGFCIMDNHKERIANFKIEPPGLFRGRGNHPKMGMLKRRIMPEDIIINCSKDAKVPSPPPGHKWKEVRHDNKVTWL
VSWTENIQGSIKYIMLNPSSRIKGEKDWQKYETARRLKKCVDKIRNQYREDWKSKEMKVRQRAVALYFIDKLALRAGNEK
EEGETADTVGCCSLRVEHINLHPELDGQEYVVEFDFLGKDSIRYYNKVPVEKRVFKNLQLFMENKQPEDDLFDRLNTGIL
NKHLQDLMEGLTAKVFRTYNASITLQQQLKELTAPDENIPAKILSYNRANRAVAILCNHQRAPPKTFEKSMMNLQTKIDA
KKEQLADARRDLKSAKADAKVMKDAKTKKVVESKKKAVQRLEEQLMKLEVQATDREENKQIALGTSKLN(PTR)LDPRIT
VAWCKKWGVPIEKIYNKTQREKFAWAIDMADEDYEF
;
A
#
# COMPACT_ATOMS: atom_id res chain seq x y z
N GLN D 28 -17.48 11.41 -16.13
CA GLN D 28 -18.62 11.83 -15.26
C GLN D 28 -18.89 13.34 -15.38
N LYS D 29 -17.81 14.11 -15.56
CA LYS D 29 -17.90 15.56 -15.67
C LYS D 29 -18.36 16.16 -14.34
N TRP D 30 -18.24 15.39 -13.26
CA TRP D 30 -18.64 15.81 -11.92
C TRP D 30 -17.58 16.72 -11.29
N LYS D 31 -18.01 17.82 -10.67
CA LYS D 31 -17.07 18.74 -10.05
C LYS D 31 -17.26 18.92 -8.55
N TRP D 32 -17.25 17.78 -7.85
CA TRP D 32 -17.42 17.73 -6.40
C TRP D 32 -16.72 18.83 -5.63
N TRP D 33 -15.56 19.26 -6.13
CA TRP D 33 -14.82 20.32 -5.46
C TRP D 33 -15.58 21.62 -5.67
N GLU D 34 -16.06 21.86 -6.89
CA GLU D 34 -16.85 23.06 -7.19
C GLU D 34 -18.11 23.09 -6.32
N GLU D 35 -18.31 22.04 -5.52
CA GLU D 35 -19.47 21.94 -4.65
C GLU D 35 -19.05 22.09 -3.19
N GLU D 36 -20.01 22.56 -2.38
CA GLU D 36 -19.85 22.80 -0.94
C GLU D 36 -19.04 21.78 -0.12
N ARG D 37 -18.51 22.27 1.00
CA ARG D 37 -17.70 21.47 1.91
C ARG D 37 -18.55 20.67 2.90
N TYR D 38 -18.20 19.39 3.07
CA TYR D 38 -18.90 18.50 4.01
C TYR D 38 -18.60 18.89 5.45
N PRO D 39 -19.62 18.79 6.33
CA PRO D 39 -19.55 19.11 7.76
C PRO D 39 -18.70 18.18 8.59
N GLU D 40 -17.59 17.71 8.03
CA GLU D 40 -16.67 16.80 8.74
C GLU D 40 -17.35 15.53 9.24
N GLY D 41 -16.54 14.52 9.50
CA GLY D 41 -17.05 13.25 10.00
C GLY D 41 -18.02 12.60 9.05
N ILE D 42 -19.02 13.38 8.67
CA ILE D 42 -20.06 12.97 7.74
C ILE D 42 -19.45 12.80 6.34
N LYS D 43 -19.55 11.59 5.82
CA LYS D 43 -19.01 11.27 4.52
C LYS D 43 -20.01 11.47 3.42
N TRP D 44 -21.27 11.21 3.74
CA TRP D 44 -22.34 11.33 2.77
C TRP D 44 -23.69 11.26 3.41
N LYS D 45 -24.71 11.49 2.58
CA LYS D 45 -26.09 11.44 3.03
C LYS D 45 -26.75 10.17 2.46
N PHE D 46 -26.44 9.87 1.19
CA PHE D 46 -27.00 8.70 0.56
C PHE D 46 -25.97 7.73 -0.01
N LEU D 47 -26.26 6.44 0.12
CA LEU D 47 -25.37 5.40 -0.39
C LEU D 47 -26.10 4.09 -0.66
N GLU D 48 -25.99 3.62 -1.90
CA GLU D 48 -26.66 2.39 -2.29
C GLU D 48 -25.75 1.57 -3.19
N HIS D 49 -25.51 0.33 -2.78
CA HIS D 49 -24.64 -0.61 -3.53
C HIS D 49 -25.20 -2.04 -3.55
N LYS D 50 -24.80 -2.81 -4.55
CA LYS D 50 -25.29 -4.19 -4.72
C LYS D 50 -24.50 -5.26 -3.98
N GLY D 51 -23.88 -4.89 -2.87
CA GLY D 51 -23.12 -5.91 -2.16
C GLY D 51 -21.90 -6.35 -2.95
N PRO D 52 -21.18 -7.36 -2.45
CA PRO D 52 -19.97 -7.89 -3.09
C PRO D 52 -20.20 -8.93 -4.17
N VAL D 53 -19.08 -9.48 -4.63
CA VAL D 53 -19.05 -10.51 -5.65
C VAL D 53 -18.19 -11.63 -5.10
N PHE D 54 -18.84 -12.52 -4.35
CA PHE D 54 -18.16 -13.64 -3.74
C PHE D 54 -17.36 -14.44 -4.74
N ALA D 55 -16.21 -14.92 -4.27
CA ALA D 55 -15.29 -15.69 -5.08
C ALA D 55 -16.00 -16.89 -5.70
N PRO D 56 -15.76 -17.14 -6.99
CA PRO D 56 -16.39 -18.27 -7.67
C PRO D 56 -15.94 -19.59 -7.02
N PRO D 57 -16.92 -20.39 -6.60
CA PRO D 57 -16.72 -21.68 -5.94
C PRO D 57 -15.85 -22.67 -6.72
N TYR D 58 -15.17 -23.53 -5.96
CA TYR D 58 -14.26 -24.54 -6.48
C TYR D 58 -14.92 -25.67 -7.26
N GLU D 59 -14.41 -25.87 -8.47
CA GLU D 59 -14.85 -26.93 -9.36
C GLU D 59 -13.63 -27.87 -9.31
N PRO D 60 -13.79 -29.07 -8.71
CA PRO D 60 -12.76 -30.09 -8.55
C PRO D 60 -12.15 -30.68 -9.82
N LEU D 61 -10.99 -31.28 -9.62
CA LEU D 61 -10.20 -31.89 -10.69
C LEU D 61 -10.81 -33.20 -11.18
N PRO D 62 -10.95 -33.32 -12.51
CA PRO D 62 -11.50 -34.52 -13.16
C PRO D 62 -10.55 -35.71 -13.03
N GLU D 63 -11.13 -36.91 -12.99
CA GLU D 63 -10.37 -38.14 -12.83
C GLU D 63 -9.08 -38.26 -13.61
N ASN D 64 -9.04 -37.69 -14.81
CA ASN D 64 -7.79 -37.76 -15.57
C ASN D 64 -6.73 -37.07 -14.70
N VAL D 65 -6.98 -35.81 -14.36
CA VAL D 65 -6.06 -35.06 -13.52
C VAL D 65 -6.28 -35.53 -12.09
N LYS D 66 -5.20 -36.01 -11.48
CA LYS D 66 -5.26 -36.55 -10.13
C LYS D 66 -4.07 -36.13 -9.30
N PHE D 67 -3.95 -36.75 -8.12
CA PHE D 67 -2.86 -36.48 -7.18
C PHE D 67 -1.87 -37.64 -7.27
N TYR D 68 -1.11 -37.86 -6.19
CA TYR D 68 -0.15 -38.92 -6.15
C TYR D 68 0.16 -39.31 -4.73
N TYR D 69 1.34 -38.92 -4.26
CA TYR D 69 1.83 -39.24 -2.92
C TYR D 69 2.40 -40.67 -2.89
N ASP D 70 3.74 -40.73 -2.88
CA ASP D 70 4.50 -41.96 -2.90
C ASP D 70 4.05 -42.77 -4.11
N GLY D 71 3.79 -42.04 -5.20
CA GLY D 71 3.33 -42.66 -6.42
C GLY D 71 1.88 -43.06 -6.31
N LYS D 72 1.47 -43.40 -5.09
CA LYS D 72 0.12 -43.83 -4.80
C LYS D 72 -0.95 -42.80 -5.15
N VAL D 73 -1.20 -42.64 -6.45
CA VAL D 73 -2.21 -41.70 -6.97
C VAL D 73 -3.51 -41.91 -6.19
N MET D 74 -3.82 -40.95 -5.33
CA MET D 74 -5.03 -41.07 -4.52
C MET D 74 -5.82 -39.78 -4.39
N LYS D 75 -7.11 -39.88 -4.68
CA LYS D 75 -8.04 -38.75 -4.59
C LYS D 75 -8.16 -38.21 -3.16
N LEU D 76 -8.82 -37.08 -3.00
CA LEU D 76 -8.98 -36.44 -1.70
C LEU D 76 -10.31 -35.73 -1.46
N SER D 77 -10.39 -35.00 -0.35
CA SER D 77 -11.58 -34.24 0.00
C SER D 77 -11.51 -32.99 -0.84
N PRO D 78 -12.66 -32.50 -1.31
CA PRO D 78 -12.73 -31.29 -2.15
C PRO D 78 -12.08 -30.10 -1.48
N LYS D 79 -12.30 -29.99 -0.18
CA LYS D 79 -11.73 -28.92 0.60
C LYS D 79 -10.22 -29.00 0.43
N ALA D 80 -9.63 -30.08 0.92
CA ALA D 80 -8.20 -30.29 0.81
C ALA D 80 -7.75 -30.14 -0.65
N GLU D 81 -8.54 -30.66 -1.57
CA GLU D 81 -8.25 -30.58 -3.00
C GLU D 81 -7.90 -29.16 -3.36
N GLU D 82 -8.90 -28.28 -3.28
CA GLU D 82 -8.70 -26.88 -3.60
C GLU D 82 -7.49 -26.34 -2.84
N VAL D 83 -7.39 -26.66 -1.56
CA VAL D 83 -6.27 -26.19 -0.78
C VAL D 83 -4.98 -26.61 -1.45
N ALA D 84 -4.89 -27.89 -1.76
CA ALA D 84 -3.71 -28.44 -2.40
C ALA D 84 -3.41 -27.67 -3.67
N THR D 85 -4.43 -27.47 -4.49
CA THR D 85 -4.25 -26.78 -5.76
C THR D 85 -3.44 -25.51 -5.57
N PHE D 86 -3.68 -24.82 -4.46
CA PHE D 86 -2.99 -23.59 -4.16
C PHE D 86 -1.51 -23.85 -4.24
N PHE D 87 -1.05 -24.77 -3.41
CA PHE D 87 0.35 -25.12 -3.40
C PHE D 87 0.74 -25.49 -4.82
N ALA D 88 -0.05 -26.37 -5.42
CA ALA D 88 0.18 -26.86 -6.77
C ALA D 88 0.45 -25.73 -7.76
N LYS D 89 -0.17 -24.59 -7.54
CA LYS D 89 0.00 -23.47 -8.45
C LYS D 89 1.16 -22.54 -8.08
N MET D 90 2.10 -23.03 -7.29
CA MET D 90 3.27 -22.23 -6.88
C MET D 90 4.55 -23.04 -6.57
N LEU D 91 4.55 -24.31 -6.97
CA LEU D 91 5.69 -25.21 -6.77
C LEU D 91 6.95 -24.60 -7.38
N ASP D 92 6.76 -24.01 -8.55
CA ASP D 92 7.84 -23.37 -9.27
C ASP D 92 8.29 -22.13 -8.51
N HIS D 93 7.34 -21.47 -7.85
CA HIS D 93 7.62 -20.26 -7.10
C HIS D 93 8.46 -20.49 -5.86
N GLU D 94 9.43 -19.59 -5.68
CA GLU D 94 10.37 -19.62 -4.58
C GLU D 94 9.71 -19.72 -3.21
N TYR D 95 8.46 -19.30 -3.12
CA TYR D 95 7.77 -19.38 -1.85
C TYR D 95 7.78 -20.83 -1.38
N THR D 96 7.36 -21.70 -2.28
CA THR D 96 7.32 -23.12 -2.00
C THR D 96 8.68 -23.65 -1.66
N THR D 97 9.73 -22.94 -2.09
CA THR D 97 11.09 -23.37 -1.80
C THR D 97 11.51 -22.79 -0.43
N LYS D 98 10.65 -21.94 0.12
CA LYS D 98 10.92 -21.30 1.40
C LYS D 98 10.44 -22.15 2.58
N GLU D 99 11.40 -22.60 3.41
CA GLU D 99 11.12 -23.46 4.56
C GLU D 99 9.94 -23.03 5.44
N ILE D 100 10.07 -21.87 6.09
CA ILE D 100 9.04 -21.31 6.98
C ILE D 100 7.69 -21.30 6.28
N PHE D 101 7.73 -20.96 5.00
CA PHE D 101 6.53 -20.92 4.20
C PHE D 101 5.86 -22.29 4.21
N ARG D 102 6.67 -23.31 4.00
CA ARG D 102 6.18 -24.68 3.95
C ARG D 102 5.47 -25.15 5.21
N LYS D 103 6.10 -24.94 6.36
CA LYS D 103 5.51 -25.34 7.64
C LYS D 103 4.09 -24.80 7.66
N ASN D 104 3.98 -23.51 7.35
CA ASN D 104 2.71 -22.81 7.32
C ASN D 104 1.72 -23.58 6.46
N PHE D 105 2.18 -24.05 5.30
CA PHE D 105 1.30 -24.81 4.44
C PHE D 105 0.83 -26.10 5.15
N PHE D 106 1.72 -27.08 5.19
CA PHE D 106 1.50 -28.39 5.81
C PHE D 106 0.41 -28.35 6.86
N LYS D 107 0.74 -27.72 7.99
CA LYS D 107 -0.14 -27.58 9.15
C LYS D 107 -1.57 -27.12 8.86
N ASP D 108 -1.67 -26.00 8.15
CA ASP D 108 -2.98 -25.43 7.79
C ASP D 108 -3.77 -26.42 6.94
N TRP D 109 -3.05 -27.09 6.04
CA TRP D 109 -3.65 -28.04 5.13
C TRP D 109 -4.35 -29.15 5.88
N ARG D 110 -3.61 -29.77 6.79
CA ARG D 110 -4.11 -30.86 7.61
C ARG D 110 -5.53 -30.53 8.01
N LYS D 111 -5.66 -29.40 8.71
CA LYS D 111 -6.94 -28.91 9.17
C LYS D 111 -8.01 -28.94 8.08
N GLU D 112 -7.60 -28.70 6.84
CA GLU D 112 -8.54 -28.66 5.72
C GLU D 112 -8.90 -29.98 5.08
N MET D 113 -8.78 -31.06 5.85
CA MET D 113 -9.11 -32.36 5.30
C MET D 113 -9.51 -33.35 6.34
N THR D 114 -10.01 -34.48 5.84
CA THR D 114 -10.48 -35.57 6.67
C THR D 114 -9.40 -36.36 7.35
N ASN D 115 -9.78 -36.82 8.54
CA ASN D 115 -8.97 -37.62 9.43
C ASN D 115 -8.21 -38.59 8.57
N GLU D 116 -8.94 -39.47 7.88
CA GLU D 116 -8.33 -40.47 6.99
C GLU D 116 -7.12 -39.88 6.26
N GLU D 117 -7.38 -38.91 5.38
CA GLU D 117 -6.33 -38.24 4.62
C GLU D 117 -5.25 -37.77 5.59
N LYS D 118 -5.70 -37.00 6.59
CA LYS D 118 -4.82 -36.45 7.61
C LYS D 118 -3.89 -37.53 8.16
N ASN D 119 -4.40 -38.75 8.24
CA ASN D 119 -3.64 -39.85 8.78
C ASN D 119 -2.54 -40.30 7.85
N ILE D 120 -2.92 -40.52 6.60
CA ILE D 120 -2.00 -41.01 5.58
C ILE D 120 -0.91 -40.04 5.11
N ILE D 121 -1.22 -38.75 5.05
CA ILE D 121 -0.24 -37.79 4.56
C ILE D 121 0.69 -37.18 5.61
N THR D 122 1.26 -38.06 6.42
CA THR D 122 2.18 -37.68 7.47
C THR D 122 3.39 -36.95 6.88
N ASN D 123 3.43 -36.88 5.56
CA ASN D 123 4.56 -36.22 4.92
C ASN D 123 4.26 -35.68 3.51
N LEU D 124 4.38 -34.36 3.35
CA LEU D 124 4.16 -33.73 2.05
C LEU D 124 5.45 -33.91 1.30
N SER D 125 6.51 -34.07 2.10
CA SER D 125 7.86 -34.28 1.61
C SER D 125 7.85 -35.71 1.08
N LYS D 126 6.78 -36.02 0.36
CA LYS D 126 6.51 -37.31 -0.27
C LYS D 126 5.30 -37.14 -1.20
N CYS D 127 4.72 -35.94 -1.22
CA CYS D 127 3.58 -35.68 -2.08
C CYS D 127 4.01 -35.33 -3.50
N ASP D 128 3.06 -35.25 -4.43
CA ASP D 128 3.40 -34.93 -5.81
C ASP D 128 2.32 -34.09 -6.48
N PHE D 129 2.53 -32.77 -6.45
CA PHE D 129 1.57 -31.83 -7.05
C PHE D 129 1.88 -31.57 -8.51
N THR D 130 3.05 -32.09 -8.94
CA THR D 130 3.53 -31.92 -10.30
C THR D 130 2.43 -32.07 -11.36
N GLN D 131 1.74 -33.21 -11.28
CA GLN D 131 0.65 -33.48 -12.19
C GLN D 131 -0.33 -32.32 -12.17
N MET D 132 -0.73 -31.95 -10.96
CA MET D 132 -1.68 -30.87 -10.70
C MET D 132 -1.20 -29.56 -11.32
N SER D 133 0.10 -29.29 -11.17
CA SER D 133 0.72 -28.10 -11.72
C SER D 133 0.40 -28.06 -13.21
N GLN D 134 0.75 -29.18 -13.85
CA GLN D 134 0.57 -29.42 -15.28
C GLN D 134 -0.79 -28.98 -15.81
N TYR D 135 -1.85 -29.53 -15.21
CA TYR D 135 -3.20 -29.20 -15.61
C TYR D 135 -3.40 -27.70 -15.69
N PHE D 136 -3.18 -27.02 -14.57
CA PHE D 136 -3.38 -25.59 -14.58
C PHE D 136 -2.60 -24.88 -15.64
N LYS D 137 -1.33 -25.24 -15.77
CA LYS D 137 -0.50 -24.63 -16.80
C LYS D 137 -1.17 -24.94 -18.14
N ALA D 138 -1.68 -26.15 -18.27
CA ALA D 138 -2.35 -26.59 -19.49
C ALA D 138 -3.57 -25.73 -19.70
N GLN D 139 -4.50 -25.82 -18.77
CA GLN D 139 -5.73 -25.06 -18.79
C GLN D 139 -5.38 -23.61 -19.14
N THR D 140 -4.22 -23.19 -18.66
CA THR D 140 -3.72 -21.84 -18.92
C THR D 140 -3.49 -21.69 -20.41
N GLU D 141 -2.48 -22.39 -20.92
CA GLU D 141 -2.13 -22.34 -22.34
C GLU D 141 -3.40 -22.53 -23.16
N ALA D 142 -4.30 -23.34 -22.62
CA ALA D 142 -5.57 -23.60 -23.26
C ALA D 142 -6.29 -22.26 -23.32
N ARG D 143 -6.48 -21.66 -22.15
CA ARG D 143 -7.15 -20.37 -22.06
C ARG D 143 -6.40 -19.42 -22.98
N LYS D 144 -5.08 -19.57 -22.99
CA LYS D 144 -4.20 -18.77 -23.84
C LYS D 144 -4.19 -19.50 -25.17
N GLN D 145 -5.39 -19.74 -25.67
CA GLN D 145 -5.61 -20.43 -26.94
C GLN D 145 -7.10 -20.42 -27.25
N MET D 146 -7.91 -19.99 -26.28
CA MET D 146 -9.36 -19.93 -26.43
C MET D 146 -9.75 -19.01 -27.60
N SER D 147 -10.82 -19.38 -28.31
CA SER D 147 -11.30 -18.60 -29.46
C SER D 147 -11.68 -17.17 -29.16
N LYS D 148 -11.42 -16.30 -30.12
CA LYS D 148 -11.74 -14.90 -30.01
C LYS D 148 -13.23 -14.80 -29.67
N GLU D 149 -14.05 -15.37 -30.53
CA GLU D 149 -15.49 -15.36 -30.32
C GLU D 149 -15.83 -16.00 -28.98
N GLU D 150 -15.23 -17.17 -28.71
CA GLU D 150 -15.46 -17.90 -27.47
C GLU D 150 -15.28 -16.98 -26.28
N LYS D 151 -14.09 -16.39 -26.20
CA LYS D 151 -13.73 -15.49 -25.12
C LYS D 151 -14.55 -14.21 -25.20
N LEU D 152 -14.66 -13.67 -26.40
CA LEU D 152 -15.42 -12.44 -26.63
C LEU D 152 -16.69 -12.44 -25.79
N LYS D 153 -17.40 -13.56 -25.85
CA LYS D 153 -18.62 -13.72 -25.08
C LYS D 153 -18.31 -13.29 -23.66
N ILE D 154 -17.36 -13.99 -23.04
CA ILE D 154 -16.97 -13.70 -21.67
C ILE D 154 -16.53 -12.26 -21.43
N LYS D 155 -15.73 -11.72 -22.35
CA LYS D 155 -15.24 -10.35 -22.27
C LYS D 155 -16.40 -9.39 -21.95
N GLU D 156 -17.39 -9.37 -22.83
CA GLU D 156 -18.54 -8.51 -22.69
C GLU D 156 -19.34 -9.01 -21.50
N GLU D 157 -19.40 -10.32 -21.36
CA GLU D 157 -20.11 -10.93 -20.24
C GLU D 157 -19.53 -10.39 -18.95
N ASN D 158 -18.20 -10.43 -18.85
CA ASN D 158 -17.54 -9.93 -17.66
C ASN D 158 -17.82 -8.45 -17.50
N GLU D 159 -17.97 -7.76 -18.61
CA GLU D 159 -18.25 -6.34 -18.58
C GLU D 159 -19.62 -6.13 -17.93
N LYS D 160 -20.57 -7.00 -18.27
CA LYS D 160 -21.93 -6.92 -17.74
C LYS D 160 -21.93 -6.77 -16.22
N LEU D 161 -21.13 -7.62 -15.58
CA LEU D 161 -20.96 -7.64 -14.14
C LEU D 161 -20.80 -6.25 -13.50
N LEU D 162 -19.88 -5.47 -14.07
CA LEU D 162 -19.59 -4.14 -13.58
C LEU D 162 -20.84 -3.32 -13.47
N LYS D 163 -21.49 -3.09 -14.60
CA LYS D 163 -22.68 -2.27 -14.64
C LYS D 163 -23.65 -2.50 -13.51
N GLU D 164 -23.76 -3.74 -13.06
CA GLU D 164 -24.68 -4.05 -11.97
C GLU D 164 -23.94 -4.30 -10.66
N TYR D 165 -22.61 -4.36 -10.73
CA TYR D 165 -21.82 -4.60 -9.53
C TYR D 165 -20.67 -3.67 -9.26
N GLY D 166 -20.38 -2.76 -10.20
CA GLY D 166 -19.26 -1.85 -10.04
C GLY D 166 -19.55 -0.37 -9.79
N PHE D 167 -20.79 -0.01 -9.54
CA PHE D 167 -21.10 1.39 -9.29
C PHE D 167 -22.21 1.59 -8.28
N CYS D 168 -21.82 1.95 -7.08
CA CYS D 168 -22.78 2.21 -6.04
C CYS D 168 -23.44 3.54 -6.36
N ILE D 169 -24.20 4.02 -5.39
CA ILE D 169 -24.88 5.29 -5.51
C ILE D 169 -24.71 6.09 -4.23
N MET D 170 -23.89 7.13 -4.31
CA MET D 170 -23.63 7.99 -3.18
C MET D 170 -24.14 9.39 -3.50
N ASP D 171 -24.60 10.06 -2.45
CA ASP D 171 -25.13 11.43 -2.47
C ASP D 171 -25.96 11.94 -3.62
N ASN D 172 -25.48 11.74 -4.84
CA ASN D 172 -26.20 12.22 -5.99
C ASN D 172 -25.57 11.71 -7.27
N HIS D 173 -24.54 10.89 -7.13
CA HIS D 173 -23.84 10.42 -8.31
C HIS D 173 -23.45 8.95 -8.23
N LYS D 174 -23.26 8.36 -9.40
CA LYS D 174 -22.90 6.95 -9.54
C LYS D 174 -21.39 6.85 -9.80
N GLU D 175 -20.62 6.45 -8.77
CA GLU D 175 -19.18 6.33 -8.93
C GLU D 175 -18.74 4.89 -8.97
N ARG D 176 -17.54 4.65 -9.48
CA ARG D 176 -17.03 3.30 -9.58
C ARG D 176 -16.36 2.90 -8.28
N ILE D 177 -16.53 1.63 -7.92
CA ILE D 177 -15.95 1.09 -6.70
C ILE D 177 -14.53 0.60 -6.99
N ALA D 178 -13.75 0.43 -5.93
CA ALA D 178 -12.40 -0.08 -6.04
C ALA D 178 -12.47 -1.49 -6.62
N ASN D 179 -13.13 -2.41 -5.90
CA ASN D 179 -13.29 -3.80 -6.36
C ASN D 179 -14.43 -4.52 -5.63
N PHE D 180 -15.44 -4.92 -6.39
CA PHE D 180 -16.59 -5.62 -5.82
C PHE D 180 -16.26 -7.08 -5.60
N LYS D 181 -15.32 -7.58 -6.39
CA LYS D 181 -14.95 -8.97 -6.25
C LYS D 181 -14.15 -9.22 -4.97
N ILE D 182 -14.76 -9.96 -4.06
CA ILE D 182 -14.15 -10.29 -2.79
C ILE D 182 -12.89 -11.11 -2.93
N GLU D 183 -11.92 -10.79 -2.08
CA GLU D 183 -10.64 -11.46 -2.05
C GLU D 183 -10.87 -12.96 -1.98
N PRO D 184 -10.40 -13.68 -3.00
CA PRO D 184 -10.52 -15.13 -3.12
C PRO D 184 -9.65 -15.83 -2.09
N PRO D 185 -10.08 -16.99 -1.59
CA PRO D 185 -9.29 -17.74 -0.60
C PRO D 185 -7.94 -18.09 -1.22
N GLY D 186 -6.97 -18.43 -0.39
CA GLY D 186 -5.70 -18.78 -0.96
C GLY D 186 -4.59 -18.95 0.05
N LEU D 187 -3.37 -18.74 -0.42
CA LEU D 187 -2.19 -18.86 0.40
C LEU D 187 -1.51 -17.50 0.53
N PHE D 188 -1.62 -16.93 1.73
CA PHE D 188 -1.05 -15.63 2.05
C PHE D 188 0.42 -15.50 1.68
N ARG D 189 0.69 -14.53 0.81
CA ARG D 189 2.03 -14.24 0.34
C ARG D 189 2.53 -13.05 1.16
N GLY D 190 3.56 -13.28 1.96
CA GLY D 190 4.10 -12.22 2.80
C GLY D 190 5.44 -11.71 2.34
N ARG D 191 5.50 -10.41 2.04
CA ARG D 191 6.73 -9.76 1.59
C ARG D 191 7.82 -9.96 2.64
N GLY D 192 9.03 -10.23 2.18
CA GLY D 192 10.11 -10.45 3.12
C GLY D 192 9.86 -11.68 3.96
N ASN D 193 10.65 -11.85 5.01
CA ASN D 193 10.55 -13.02 5.87
C ASN D 193 9.33 -13.03 6.79
N HIS D 194 8.14 -12.93 6.21
CA HIS D 194 6.93 -12.95 7.01
C HIS D 194 6.74 -14.31 7.67
N PRO D 195 6.61 -14.32 9.00
CA PRO D 195 6.42 -15.54 9.78
C PRO D 195 5.03 -16.16 9.54
N LYS D 196 4.18 -15.41 8.87
CA LYS D 196 2.85 -15.89 8.57
C LYS D 196 2.71 -16.30 7.11
N MET D 197 3.82 -16.30 6.37
CA MET D 197 3.79 -16.67 4.95
C MET D 197 3.58 -18.17 4.78
N GLY D 198 2.63 -18.53 3.92
CA GLY D 198 2.37 -19.94 3.72
C GLY D 198 1.09 -20.41 4.39
N MET D 199 0.56 -19.62 5.34
CA MET D 199 -0.69 -19.95 5.99
C MET D 199 -1.79 -19.74 4.94
N LEU D 200 -2.85 -20.50 5.07
CA LEU D 200 -3.95 -20.42 4.12
C LEU D 200 -4.79 -19.21 4.44
N LYS D 201 -5.27 -18.53 3.40
CA LYS D 201 -6.15 -17.40 3.63
C LYS D 201 -7.52 -18.01 4.02
N ARG D 202 -8.52 -17.93 3.14
CA ARG D 202 -9.86 -18.48 3.44
C ARG D 202 -10.94 -17.88 2.56
N ARG D 203 -12.01 -18.65 2.33
CA ARG D 203 -13.13 -18.22 1.50
C ARG D 203 -14.19 -17.53 2.33
N ILE D 204 -14.32 -16.22 2.13
CA ILE D 204 -15.28 -15.41 2.88
C ILE D 204 -16.76 -15.65 2.54
N MET D 205 -17.58 -15.83 3.58
CA MET D 205 -19.01 -16.06 3.42
C MET D 205 -19.82 -14.83 3.81
N PRO D 206 -21.09 -14.76 3.40
CA PRO D 206 -22.02 -13.66 3.67
C PRO D 206 -22.14 -13.46 5.17
N GLU D 207 -21.90 -14.56 5.86
CA GLU D 207 -21.95 -14.58 7.30
C GLU D 207 -20.73 -13.84 7.82
N ASP D 208 -19.78 -13.60 6.93
CA ASP D 208 -18.58 -12.88 7.31
C ASP D 208 -18.64 -11.46 6.80
N ILE D 209 -19.72 -11.11 6.13
CA ILE D 209 -19.78 -9.77 5.59
C ILE D 209 -20.59 -8.70 6.33
N ILE D 210 -20.09 -7.47 6.28
CA ILE D 210 -20.78 -6.34 6.87
C ILE D 210 -21.11 -5.31 5.80
N ILE D 211 -22.40 -5.11 5.60
CA ILE D 211 -22.83 -4.15 4.61
C ILE D 211 -22.98 -2.79 5.27
N ASN D 212 -22.51 -1.77 4.56
CA ASN D 212 -22.58 -0.38 4.98
C ASN D 212 -23.51 0.34 3.98
N CYS D 213 -24.77 0.52 4.36
CA CYS D 213 -25.71 1.13 3.44
C CYS D 213 -26.10 2.58 3.59
N SER D 214 -27.29 2.79 4.17
CA SER D 214 -27.93 4.08 4.42
C SER D 214 -29.42 3.75 4.47
N LYS D 215 -29.93 3.48 5.67
CA LYS D 215 -31.33 3.14 5.89
C LYS D 215 -32.30 4.02 5.12
N ASP D 216 -32.63 3.57 3.92
CA ASP D 216 -33.55 4.24 3.01
C ASP D 216 -33.17 3.69 1.65
N ALA D 217 -31.89 3.39 1.51
CA ALA D 217 -31.38 2.85 0.27
C ALA D 217 -31.75 1.38 0.19
N LYS D 218 -31.81 0.88 -1.04
CA LYS D 218 -32.13 -0.51 -1.30
C LYS D 218 -30.94 -1.39 -0.89
N VAL D 219 -31.08 -2.02 0.28
CA VAL D 219 -30.06 -2.89 0.82
C VAL D 219 -29.91 -4.15 0.02
N PRO D 220 -28.68 -4.48 -0.38
CA PRO D 220 -28.47 -5.71 -1.15
C PRO D 220 -28.93 -6.95 -0.36
N SER D 221 -29.73 -7.77 -1.03
CA SER D 221 -30.27 -9.00 -0.48
C SER D 221 -29.19 -10.08 -0.53
N PRO D 222 -28.82 -10.63 0.64
CA PRO D 222 -27.78 -11.67 0.68
C PRO D 222 -28.12 -12.88 -0.17
N PRO D 223 -27.10 -13.53 -0.74
CA PRO D 223 -27.30 -14.71 -1.58
C PRO D 223 -27.97 -15.85 -0.83
N PRO D 224 -28.97 -16.46 -1.47
CA PRO D 224 -29.82 -17.58 -1.07
C PRO D 224 -29.35 -18.43 0.09
N GLY D 225 -30.22 -18.52 1.09
CA GLY D 225 -29.96 -19.30 2.28
C GLY D 225 -29.19 -18.50 3.30
N HIS D 226 -28.06 -17.98 2.84
CA HIS D 226 -27.16 -17.18 3.67
C HIS D 226 -27.74 -15.87 4.15
N LYS D 227 -27.07 -15.32 5.15
CA LYS D 227 -27.41 -14.04 5.73
C LYS D 227 -26.11 -13.26 5.85
N TRP D 228 -26.23 -11.94 5.96
CA TRP D 228 -25.05 -11.12 6.13
C TRP D 228 -24.60 -11.30 7.58
N LYS D 229 -23.37 -10.89 7.85
CA LYS D 229 -22.84 -10.97 9.19
C LYS D 229 -23.62 -9.87 9.91
N GLU D 230 -23.44 -8.64 9.45
CA GLU D 230 -24.11 -7.53 10.04
C GLU D 230 -24.27 -6.47 8.97
N VAL D 231 -25.20 -5.56 9.20
CA VAL D 231 -25.45 -4.50 8.25
C VAL D 231 -25.74 -3.23 9.02
N ARG D 232 -25.02 -2.17 8.70
CA ARG D 232 -25.21 -0.91 9.39
C ARG D 232 -25.04 0.25 8.44
N HIS D 233 -25.26 1.46 8.95
CA HIS D 233 -25.17 2.65 8.12
C HIS D 233 -24.41 3.74 8.86
N ASP D 234 -23.11 3.60 8.90
CA ASP D 234 -22.31 4.60 9.55
C ASP D 234 -21.77 5.49 8.47
N ASN D 235 -22.52 6.54 8.15
CA ASN D 235 -22.11 7.51 7.13
C ASN D 235 -20.90 8.31 7.63
N LYS D 236 -20.37 7.87 8.75
CA LYS D 236 -19.22 8.49 9.36
C LYS D 236 -17.97 7.78 8.85
N VAL D 237 -18.14 6.93 7.82
CA VAL D 237 -17.02 6.21 7.22
C VAL D 237 -17.16 6.09 5.72
N THR D 238 -16.08 5.63 5.10
CA THR D 238 -16.01 5.48 3.65
C THR D 238 -16.60 4.16 3.13
N TRP D 239 -15.82 3.09 3.20
CA TRP D 239 -16.20 1.75 2.74
C TRP D 239 -17.68 1.39 2.76
N LEU D 240 -18.13 0.76 1.69
CA LEU D 240 -19.52 0.35 1.61
C LEU D 240 -19.65 -1.08 2.12
N VAL D 241 -18.54 -1.80 2.16
CA VAL D 241 -18.59 -3.16 2.67
C VAL D 241 -17.25 -3.59 3.23
N SER D 242 -17.27 -4.47 4.22
CA SER D 242 -16.03 -4.89 4.82
C SER D 242 -16.13 -6.17 5.62
N TRP D 243 -14.97 -6.75 5.90
CA TRP D 243 -14.87 -7.97 6.66
C TRP D 243 -13.47 -8.04 7.21
N THR D 244 -13.30 -8.88 8.21
CA THR D 244 -12.01 -9.05 8.82
C THR D 244 -11.32 -10.25 8.24
N GLU D 245 -10.14 -10.02 7.71
CA GLU D 245 -9.33 -11.10 7.18
C GLU D 245 -8.90 -11.95 8.38
N ASN D 246 -8.70 -13.23 8.13
CA ASN D 246 -8.33 -14.17 9.18
C ASN D 246 -6.87 -14.15 9.60
N ILE D 247 -5.96 -14.24 8.62
CA ILE D 247 -4.50 -14.30 8.87
C ILE D 247 -3.97 -13.41 9.99
N GLN D 248 -3.99 -12.11 9.71
CA GLN D 248 -3.56 -11.08 10.63
C GLN D 248 -4.75 -10.64 11.45
N GLY D 249 -5.88 -11.34 11.28
CA GLY D 249 -7.10 -10.98 11.97
C GLY D 249 -7.33 -9.49 11.74
N SER D 250 -7.09 -9.03 10.53
CA SER D 250 -7.25 -7.62 10.24
C SER D 250 -8.45 -7.39 9.38
N ILE D 251 -8.99 -6.17 9.43
CA ILE D 251 -10.17 -5.81 8.65
C ILE D 251 -9.85 -5.48 7.18
N LYS D 252 -10.79 -5.81 6.31
CA LYS D 252 -10.68 -5.54 4.88
C LYS D 252 -11.94 -4.73 4.55
N TYR D 253 -11.92 -3.99 3.45
CA TYR D 253 -13.08 -3.18 3.08
C TYR D 253 -13.17 -2.93 1.59
N ILE D 254 -14.37 -2.67 1.10
CA ILE D 254 -14.52 -2.32 -0.30
C ILE D 254 -14.89 -0.85 -0.25
N MET D 255 -14.07 -0.01 -0.88
CA MET D 255 -14.32 1.44 -0.90
C MET D 255 -14.37 1.90 -2.37
N LEU D 256 -14.75 3.15 -2.60
CA LEU D 256 -14.88 3.72 -3.95
C LEU D 256 -13.60 3.87 -4.75
N ASN D 257 -13.73 4.56 -5.87
CA ASN D 257 -12.62 4.82 -6.75
C ASN D 257 -11.94 6.12 -6.41
N PRO D 258 -10.69 6.27 -6.85
CA PRO D 258 -9.89 7.48 -6.63
C PRO D 258 -10.53 8.67 -7.30
N SER D 259 -11.08 8.47 -8.50
CA SER D 259 -11.75 9.54 -9.22
C SER D 259 -12.93 10.03 -8.38
N SER D 260 -13.43 9.16 -7.49
CA SER D 260 -14.54 9.48 -6.60
C SER D 260 -14.20 10.64 -5.70
N ARG D 261 -15.21 11.50 -5.46
CA ARG D 261 -15.06 12.66 -4.58
C ARG D 261 -14.47 12.23 -3.28
N ILE D 262 -15.25 11.44 -2.56
CA ILE D 262 -14.85 10.95 -1.26
C ILE D 262 -13.36 10.61 -1.25
N LYS D 263 -12.96 9.68 -2.13
CA LYS D 263 -11.57 9.26 -2.19
C LYS D 263 -10.64 10.42 -2.61
N GLY D 264 -11.20 11.43 -3.28
CA GLY D 264 -10.42 12.56 -3.75
C GLY D 264 -10.19 13.67 -2.74
N GLU D 265 -11.28 14.28 -2.30
CA GLU D 265 -11.23 15.37 -1.34
C GLU D 265 -10.18 15.14 -0.27
N LYS D 266 -10.13 13.93 0.28
CA LYS D 266 -9.12 13.62 1.31
C LYS D 266 -7.76 13.90 0.68
N ASP D 267 -7.46 13.20 -0.40
CA ASP D 267 -6.18 13.39 -1.07
C ASP D 267 -5.98 14.86 -1.44
N TRP D 268 -7.02 15.48 -1.96
CA TRP D 268 -6.95 16.88 -2.34
C TRP D 268 -6.53 17.71 -1.14
N GLN D 269 -7.27 17.60 -0.06
CA GLN D 269 -6.92 18.36 1.12
C GLN D 269 -5.66 17.78 1.75
N LYS D 270 -5.28 16.58 1.32
CA LYS D 270 -4.07 15.94 1.82
C LYS D 270 -2.85 16.80 1.50
N TYR D 271 -2.87 17.38 0.31
CA TYR D 271 -1.78 18.24 -0.14
C TYR D 271 -1.92 19.60 0.50
N GLU D 272 -3.15 20.01 0.76
CA GLU D 272 -3.36 21.29 1.40
C GLU D 272 -2.60 21.35 2.72
N THR D 273 -2.47 20.19 3.36
CA THR D 273 -1.78 20.07 4.63
C THR D 273 -0.31 20.40 4.47
N ALA D 274 0.38 19.64 3.62
CA ALA D 274 1.81 19.87 3.40
C ALA D 274 1.96 21.31 2.93
N ARG D 275 1.00 21.73 2.11
CA ARG D 275 0.98 23.07 1.57
C ARG D 275 1.09 24.08 2.72
N ARG D 276 0.61 23.69 3.90
CA ARG D 276 0.63 24.58 5.05
C ARG D 276 1.79 24.46 6.03
N LEU D 277 2.41 23.29 6.13
CA LEU D 277 3.56 23.19 7.01
C LEU D 277 4.67 23.97 6.30
N LYS D 278 4.56 24.01 4.97
CA LYS D 278 5.49 24.68 4.09
C LYS D 278 5.95 26.02 4.62
N LYS D 279 5.02 26.76 5.18
CA LYS D 279 5.33 28.08 5.74
C LYS D 279 5.86 27.81 7.13
N CYS D 280 4.95 27.33 7.97
CA CYS D 280 5.20 27.00 9.37
C CYS D 280 6.11 25.75 9.46
N VAL D 281 7.37 25.90 9.09
CA VAL D 281 8.32 24.79 9.13
C VAL D 281 9.71 25.22 9.57
N ASP D 282 10.23 26.31 8.97
CA ASP D 282 11.55 26.83 9.30
C ASP D 282 11.58 26.95 10.81
N LYS D 283 10.45 27.44 11.34
CA LYS D 283 10.26 27.60 12.76
C LYS D 283 10.42 26.24 13.41
N ILE D 284 9.62 25.29 12.93
CA ILE D 284 9.64 23.94 13.46
C ILE D 284 11.07 23.44 13.52
N ARG D 285 11.79 23.66 12.43
CA ARG D 285 13.17 23.22 12.39
C ARG D 285 13.99 23.80 13.52
N ASN D 286 13.95 25.13 13.68
CA ASN D 286 14.72 25.80 14.74
C ASN D 286 14.44 25.10 16.03
N GLN D 287 13.16 24.90 16.29
CA GLN D 287 12.75 24.24 17.50
C GLN D 287 13.53 22.95 17.72
N TYR D 288 13.44 22.01 16.78
CA TYR D 288 14.17 20.76 16.97
C TYR D 288 15.68 20.91 17.06
N ARG D 289 16.26 21.73 16.20
CA ARG D 289 17.70 21.93 16.24
C ARG D 289 18.00 22.45 17.63
N GLU D 290 17.18 23.38 18.10
CA GLU D 290 17.36 23.94 19.43
C GLU D 290 17.20 22.79 20.40
N ASP D 291 16.15 22.02 20.22
CA ASP D 291 15.86 20.89 21.09
C ASP D 291 17.01 19.91 21.23
N TRP D 292 17.95 19.95 20.28
CA TRP D 292 19.11 19.05 20.33
C TRP D 292 19.96 19.26 21.57
N LYS D 293 19.84 20.43 22.20
CA LYS D 293 20.59 20.80 23.39
C LYS D 293 19.75 20.67 24.66
N SER D 294 18.58 20.05 24.54
CA SER D 294 17.68 19.89 25.68
C SER D 294 18.24 19.11 26.86
N LYS D 295 17.52 19.18 27.99
CA LYS D 295 17.90 18.45 29.20
C LYS D 295 17.13 17.12 29.24
N GLU D 296 15.86 17.15 28.86
CA GLU D 296 15.05 15.94 28.86
C GLU D 296 15.42 15.07 27.69
N MET D 297 15.84 13.85 28.02
CA MET D 297 16.23 12.84 27.05
C MET D 297 15.26 12.74 25.89
N LYS D 298 14.05 12.28 26.20
CA LYS D 298 12.98 12.11 25.24
C LYS D 298 12.89 13.28 24.27
N VAL D 299 13.02 14.48 24.81
CA VAL D 299 12.95 15.70 24.01
C VAL D 299 14.03 15.63 22.94
N ARG D 300 15.19 15.16 23.36
CA ARG D 300 16.30 15.01 22.44
C ARG D 300 15.93 13.92 21.44
N GLN D 301 15.65 12.72 21.97
CA GLN D 301 15.29 11.56 21.15
C GLN D 301 14.33 11.96 20.06
N ARG D 302 13.32 12.74 20.46
CA ARG D 302 12.34 13.21 19.53
C ARG D 302 12.98 14.05 18.41
N ALA D 303 13.48 15.23 18.77
CA ALA D 303 14.08 16.16 17.83
C ALA D 303 14.91 15.49 16.74
N VAL D 304 15.74 14.54 17.15
CA VAL D 304 16.57 13.81 16.23
C VAL D 304 15.72 13.15 15.18
N ALA D 305 14.83 12.28 15.65
CA ALA D 305 13.93 11.52 14.80
C ALA D 305 13.31 12.41 13.77
N LEU D 306 12.81 13.56 14.22
CA LEU D 306 12.19 14.45 13.29
C LEU D 306 13.23 14.79 12.24
N TYR D 307 14.36 15.30 12.69
CA TYR D 307 15.46 15.68 11.83
C TYR D 307 15.64 14.62 10.76
N PHE D 308 15.86 13.39 11.18
CA PHE D 308 16.04 12.26 10.27
C PHE D 308 14.94 12.24 9.24
N ILE D 309 13.72 12.03 9.72
CA ILE D 309 12.54 12.00 8.88
C ILE D 309 12.56 13.22 8.00
N ASP D 310 12.78 14.38 8.61
CA ASP D 310 12.83 15.64 7.89
C ASP D 310 13.69 15.44 6.65
N LYS D 311 14.99 15.24 6.88
CA LYS D 311 15.94 15.08 5.79
C LYS D 311 15.82 13.76 5.05
N LEU D 312 16.20 12.68 5.73
CA LEU D 312 16.20 11.36 5.14
C LEU D 312 14.84 10.87 4.70
N ALA D 313 13.83 11.67 5.00
CA ALA D 313 12.47 11.35 4.61
C ALA D 313 12.10 9.97 5.13
N LEU D 314 12.50 9.67 6.36
CA LEU D 314 12.20 8.37 6.91
C LEU D 314 10.72 8.27 7.19
N ARG D 315 10.20 7.06 7.28
CA ARG D 315 8.78 6.89 7.56
C ARG D 315 8.48 6.86 9.07
N ALA D 316 7.22 7.14 9.40
CA ALA D 316 6.72 7.15 10.77
C ALA D 316 7.45 6.18 11.71
N GLY D 317 7.24 4.89 11.51
CA GLY D 317 7.91 3.92 12.36
C GLY D 317 7.05 3.34 13.46
N ASN D 318 5.90 2.79 13.07
CA ASN D 318 4.98 2.17 14.04
C ASN D 318 5.57 0.93 14.68
N GLU D 319 5.24 0.70 15.95
CA GLU D 319 5.75 -0.47 16.66
C GLU D 319 4.95 -1.69 16.23
N LYS D 320 5.65 -2.76 15.89
CA LYS D 320 5.00 -4.00 15.44
C LYS D 320 5.15 -5.17 16.39
N GLU D 321 4.12 -6.03 16.41
CA GLU D 321 4.08 -7.19 17.29
C GLU D 321 5.07 -8.27 16.88
N GLU D 322 6.20 -8.28 17.59
CA GLU D 322 7.31 -9.19 17.38
C GLU D 322 6.95 -10.67 17.28
N GLY D 323 6.33 -11.05 16.17
CA GLY D 323 5.95 -12.43 15.98
C GLY D 323 5.12 -12.56 14.74
N GLU D 324 3.87 -12.15 14.83
CA GLU D 324 2.96 -12.21 13.71
C GLU D 324 3.39 -11.20 12.65
N THR D 325 4.35 -10.37 13.03
CA THR D 325 4.86 -9.35 12.14
C THR D 325 6.14 -9.79 11.46
N ALA D 326 6.49 -9.05 10.40
CA ALA D 326 7.72 -9.28 9.64
C ALA D 326 8.62 -8.12 10.06
N ASP D 327 9.55 -8.41 10.98
CA ASP D 327 10.47 -7.41 11.53
C ASP D 327 11.01 -6.35 10.57
N THR D 328 10.41 -5.16 10.57
CA THR D 328 10.88 -4.07 9.73
C THR D 328 10.82 -2.80 10.59
N VAL D 329 11.90 -2.03 10.61
CA VAL D 329 11.91 -0.84 11.44
C VAL D 329 11.65 0.45 10.73
N GLY D 330 11.45 1.49 11.54
CA GLY D 330 11.17 2.82 11.05
C GLY D 330 11.84 3.84 11.95
N CYS D 331 11.77 5.12 11.56
CA CYS D 331 12.43 6.18 12.32
C CYS D 331 12.31 6.02 13.81
N CYS D 332 11.09 5.93 14.33
CA CYS D 332 10.91 5.78 15.77
C CYS D 332 11.24 4.34 16.16
N SER D 333 10.86 3.39 15.31
CA SER D 333 11.09 1.99 15.61
C SER D 333 12.49 1.49 15.31
N LEU D 334 13.43 2.39 15.12
CA LEU D 334 14.81 1.99 14.85
C LEU D 334 15.48 1.36 16.06
N ARG D 335 16.25 0.30 15.84
CA ARG D 335 16.99 -0.33 16.92
C ARG D 335 18.43 0.14 16.72
N VAL D 336 19.24 0.02 17.76
CA VAL D 336 20.63 0.47 17.70
C VAL D 336 21.52 -0.22 16.66
N GLU D 337 21.43 -1.55 16.56
CA GLU D 337 22.25 -2.30 15.60
C GLU D 337 22.12 -1.75 14.19
N HIS D 338 20.97 -1.13 13.91
CA HIS D 338 20.68 -0.58 12.58
C HIS D 338 21.58 0.54 12.11
N ILE D 339 22.35 1.13 13.03
CA ILE D 339 23.25 2.23 12.67
C ILE D 339 24.65 2.13 13.22
N ASN D 340 25.55 2.80 12.52
CA ASN D 340 26.95 2.87 12.88
C ASN D 340 27.36 4.28 12.63
N LEU D 341 28.28 4.74 13.46
CA LEU D 341 28.73 6.11 13.37
C LEU D 341 30.21 6.23 13.05
N HIS D 342 30.52 7.12 12.12
CA HIS D 342 31.89 7.33 11.72
C HIS D 342 32.14 8.82 11.77
N PRO D 343 33.02 9.24 12.68
CA PRO D 343 33.43 10.64 12.91
C PRO D 343 34.08 11.26 11.70
N GLU D 344 34.62 10.43 10.84
CA GLU D 344 35.28 10.83 9.61
C GLU D 344 35.03 9.61 8.74
N LEU D 345 34.84 9.79 7.46
CA LEU D 345 34.59 8.67 6.54
C LEU D 345 34.22 9.18 5.17
N ASP D 346 34.77 8.54 4.13
CA ASP D 346 34.52 8.95 2.75
C ASP D 346 34.76 10.44 2.60
N GLY D 347 35.71 10.95 3.37
CA GLY D 347 36.02 12.36 3.29
C GLY D 347 35.13 13.26 4.13
N GLN D 348 33.98 12.78 4.59
CA GLN D 348 33.10 13.61 5.40
C GLN D 348 33.18 13.26 6.89
N GLU D 349 32.79 14.23 7.74
CA GLU D 349 32.83 14.04 9.19
C GLU D 349 31.47 13.88 9.87
N TYR D 350 31.45 13.10 10.95
CA TYR D 350 30.23 12.82 11.72
C TYR D 350 29.23 12.08 10.81
N VAL D 351 29.66 10.96 10.25
CA VAL D 351 28.83 10.19 9.34
C VAL D 351 28.00 9.10 10.02
N VAL D 352 26.70 9.08 9.70
CA VAL D 352 25.77 8.08 10.23
C VAL D 352 25.42 7.09 9.14
N GLU D 353 25.80 5.85 9.37
CA GLU D 353 25.57 4.79 8.42
C GLU D 353 24.30 4.04 8.72
N PHE D 354 23.34 4.19 7.83
CA PHE D 354 22.03 3.56 7.96
C PHE D 354 21.84 2.27 7.19
N ASP D 355 21.46 1.24 7.93
CA ASP D 355 21.15 0.02 7.26
C ASP D 355 20.05 -0.69 8.02
N PHE D 356 18.99 -1.04 7.28
CA PHE D 356 17.84 -1.71 7.83
C PHE D 356 16.76 -1.82 6.78
N LEU D 357 15.83 -2.75 6.96
CA LEU D 357 14.75 -2.91 6.00
C LEU D 357 13.47 -2.22 6.47
N GLY D 358 12.97 -1.33 5.63
CA GLY D 358 11.76 -0.63 5.95
C GLY D 358 10.55 -1.42 5.51
N LYS D 359 9.49 -0.69 5.17
CA LYS D 359 8.25 -1.30 4.74
C LYS D 359 8.50 -2.34 3.68
N ASP D 360 7.85 -3.49 3.83
CA ASP D 360 7.98 -4.63 2.91
C ASP D 360 9.42 -5.09 2.91
N SER D 361 10.07 -4.93 4.05
CA SER D 361 11.47 -5.33 4.19
C SER D 361 12.37 -4.90 3.02
N ILE D 362 12.38 -3.60 2.73
CA ILE D 362 13.22 -3.07 1.67
C ILE D 362 14.35 -2.28 2.30
N ARG D 363 15.48 -2.98 2.42
CA ARG D 363 16.69 -2.43 3.02
C ARG D 363 17.01 -0.97 2.67
N TYR D 364 17.11 -0.16 3.72
CA TYR D 364 17.46 1.24 3.60
C TYR D 364 18.91 1.35 4.02
N TYR D 365 19.80 1.39 3.04
CA TYR D 365 21.21 1.53 3.35
C TYR D 365 21.62 2.93 3.00
N ASN D 366 22.39 3.57 3.87
CA ASN D 366 22.83 4.91 3.61
C ASN D 366 23.95 5.44 4.49
N LYS D 367 24.72 6.34 3.91
CA LYS D 367 25.82 6.97 4.62
C LYS D 367 25.53 8.46 4.65
N VAL D 368 24.90 8.96 5.72
CA VAL D 368 24.61 10.38 5.77
C VAL D 368 25.27 11.18 6.87
N PRO D 369 25.92 12.28 6.48
CA PRO D 369 26.64 13.25 7.31
C PRO D 369 25.61 14.08 8.03
N VAL D 370 25.71 14.14 9.36
CA VAL D 370 24.75 14.92 10.13
C VAL D 370 25.40 15.96 11.02
N GLU D 371 24.57 16.81 11.62
CA GLU D 371 25.02 17.87 12.52
C GLU D 371 25.72 17.21 13.72
N LYS D 372 26.89 17.74 14.07
CA LYS D 372 27.69 17.22 15.19
C LYS D 372 26.83 16.82 16.39
N ARG D 373 25.95 17.74 16.79
CA ARG D 373 25.06 17.53 17.94
C ARG D 373 24.24 16.25 17.77
N VAL D 374 23.68 16.08 16.57
CA VAL D 374 22.90 14.89 16.28
C VAL D 374 23.85 13.72 16.53
N PHE D 375 24.98 13.76 15.81
CA PHE D 375 25.98 12.71 15.91
C PHE D 375 26.25 12.38 17.35
N LYS D 376 26.70 13.38 18.09
CA LYS D 376 27.02 13.18 19.49
C LYS D 376 25.80 12.73 20.29
N ASN D 377 24.63 13.25 19.93
CA ASN D 377 23.41 12.86 20.63
C ASN D 377 23.18 11.39 20.33
N LEU D 378 23.28 11.05 19.05
CA LEU D 378 23.11 9.68 18.57
C LEU D 378 24.03 8.78 19.36
N GLN D 379 25.29 9.20 19.34
CA GLN D 379 26.37 8.54 20.04
C GLN D 379 25.86 8.27 21.46
N LEU D 380 25.17 9.26 22.01
CA LEU D 380 24.63 9.16 23.35
C LEU D 380 23.47 8.19 23.46
N PHE D 381 22.56 8.25 22.50
CA PHE D 381 21.40 7.35 22.51
C PHE D 381 21.81 5.88 22.55
N MET D 382 22.99 5.60 22.02
CA MET D 382 23.52 4.25 21.95
C MET D 382 24.16 3.75 23.24
N GLU D 383 24.84 4.66 23.92
CA GLU D 383 25.51 4.38 25.18
C GLU D 383 24.83 3.31 26.06
N ASN D 384 25.57 2.25 26.35
CA ASN D 384 25.10 1.17 27.23
C ASN D 384 24.01 0.23 26.69
N LYS D 385 23.51 0.47 25.48
CA LYS D 385 22.46 -0.39 24.90
C LYS D 385 22.91 -1.62 24.13
N GLN D 386 22.04 -2.62 24.08
CA GLN D 386 22.28 -3.85 23.33
C GLN D 386 21.82 -3.64 21.89
N PRO D 387 22.44 -4.34 20.93
CA PRO D 387 22.06 -4.18 19.52
C PRO D 387 20.54 -4.21 19.34
N GLU D 388 19.90 -5.13 20.06
CA GLU D 388 18.46 -5.32 20.01
C GLU D 388 17.72 -4.19 20.69
N ASP D 389 18.44 -3.40 21.47
CA ASP D 389 17.79 -2.28 22.14
C ASP D 389 17.36 -1.22 21.16
N ASP D 390 16.12 -0.77 21.31
CA ASP D 390 15.57 0.27 20.45
C ASP D 390 16.44 1.50 20.53
N LEU D 391 16.77 2.02 19.36
CA LEU D 391 17.60 3.21 19.29
C LEU D 391 16.92 4.31 20.07
N PHE D 392 15.77 4.78 19.59
CA PHE D 392 15.06 5.84 20.29
C PHE D 392 14.17 5.30 21.38
N ASP D 393 14.79 4.75 22.43
CA ASP D 393 14.04 4.22 23.56
C ASP D 393 13.31 5.44 24.11
N ARG D 394 12.37 5.25 25.02
CA ARG D 394 11.64 6.41 25.56
C ARG D 394 11.11 7.22 24.37
N LEU D 395 10.48 6.53 23.42
CA LEU D 395 9.94 7.20 22.23
C LEU D 395 9.21 6.26 21.28
N ASN D 396 7.97 6.62 20.96
CA ASN D 396 7.16 5.86 20.02
C ASN D 396 6.54 6.86 19.06
N THR D 397 5.96 6.34 17.99
CA THR D 397 5.34 7.19 16.99
C THR D 397 4.29 8.11 17.59
N GLY D 398 3.38 7.52 18.36
CA GLY D 398 2.33 8.30 18.98
C GLY D 398 2.84 9.59 19.57
N ILE D 399 3.91 9.49 20.33
CA ILE D 399 4.52 10.64 20.97
C ILE D 399 4.94 11.67 19.91
N LEU D 400 5.78 11.19 18.99
CA LEU D 400 6.29 12.01 17.91
C LEU D 400 5.20 12.86 17.29
N ASN D 401 4.05 12.26 17.04
CA ASN D 401 2.97 13.01 16.43
C ASN D 401 2.29 13.94 17.40
N LYS D 402 2.12 13.50 18.65
CA LYS D 402 1.46 14.31 19.65
C LYS D 402 2.17 15.65 19.67
N HIS D 403 3.50 15.58 19.61
CA HIS D 403 4.28 16.81 19.59
C HIS D 403 3.89 17.65 18.38
N LEU D 404 4.08 17.05 17.21
CA LEU D 404 3.77 17.66 15.93
C LEU D 404 2.41 18.33 15.93
N GLN D 405 1.45 17.64 16.52
CA GLN D 405 0.10 18.16 16.58
C GLN D 405 0.00 19.51 17.23
N ASP D 406 0.71 19.67 18.34
CA ASP D 406 0.71 20.93 19.06
C ASP D 406 1.40 22.03 18.26
N LEU D 407 2.31 21.62 17.37
CA LEU D 407 3.04 22.55 16.53
C LEU D 407 2.21 22.95 15.32
N MET D 408 1.31 22.05 14.92
CA MET D 408 0.43 22.28 13.78
C MET D 408 -0.73 21.30 13.82
N GLU D 409 -1.91 21.76 13.42
CA GLU D 409 -3.11 20.92 13.42
C GLU D 409 -2.96 19.86 12.35
N GLY D 410 -3.08 18.61 12.77
CA GLY D 410 -2.94 17.50 11.84
C GLY D 410 -1.51 17.23 11.44
N LEU D 411 -0.58 17.79 12.20
CA LEU D 411 0.81 17.54 11.87
C LEU D 411 1.14 16.11 12.29
N THR D 412 1.83 15.40 11.40
CA THR D 412 2.25 14.02 11.64
C THR D 412 3.39 13.67 10.70
N ALA D 413 4.15 12.66 11.10
CA ALA D 413 5.29 12.20 10.32
C ALA D 413 5.06 12.10 8.80
N LYS D 414 3.95 11.50 8.38
CA LYS D 414 3.64 11.35 6.97
C LYS D 414 3.84 12.64 6.22
N VAL D 415 3.15 13.67 6.69
CA VAL D 415 3.16 14.99 6.10
C VAL D 415 4.48 15.37 5.45
N PHE D 416 5.57 15.17 6.18
CA PHE D 416 6.89 15.53 5.68
C PHE D 416 7.32 14.91 4.38
N ARG D 417 7.24 13.58 4.28
CA ARG D 417 7.65 12.91 3.03
C ARG D 417 6.88 13.60 1.92
N THR D 418 5.58 13.68 2.15
CA THR D 418 4.68 14.32 1.21
C THR D 418 5.20 15.72 0.90
N TYR D 419 5.68 16.40 1.94
CA TYR D 419 6.18 17.77 1.79
C TYR D 419 7.35 17.94 0.84
N ASN D 420 8.54 17.63 1.33
CA ASN D 420 9.76 17.78 0.55
C ASN D 420 9.57 17.25 -0.87
N ALA D 421 8.80 16.18 -1.00
CA ALA D 421 8.54 15.57 -2.29
C ALA D 421 8.03 16.58 -3.31
N SER D 422 6.76 16.96 -3.15
CA SER D 422 6.12 17.91 -4.03
C SER D 422 6.79 19.28 -4.03
N ILE D 423 7.67 19.54 -3.07
CA ILE D 423 8.32 20.84 -3.04
C ILE D 423 9.62 20.87 -3.82
N THR D 424 10.52 19.94 -3.51
CA THR D 424 11.81 19.87 -4.20
C THR D 424 11.50 19.85 -5.68
N LEU D 425 10.43 19.14 -6.01
CA LEU D 425 9.98 19.03 -7.38
C LEU D 425 9.58 20.41 -7.88
N GLN D 426 8.79 21.11 -7.07
CA GLN D 426 8.32 22.44 -7.43
C GLN D 426 9.42 23.33 -7.99
N GLN D 427 10.65 23.08 -7.56
CA GLN D 427 11.77 23.87 -8.04
C GLN D 427 12.39 23.32 -9.31
N GLN D 428 12.43 22.00 -9.43
CA GLN D 428 13.03 21.37 -10.59
C GLN D 428 12.50 21.91 -11.88
N LEU D 429 11.18 21.83 -12.04
CA LEU D 429 10.53 22.33 -13.25
C LEU D 429 10.66 23.84 -13.37
N LYS D 430 11.40 24.43 -12.44
CA LYS D 430 11.65 25.86 -12.42
C LYS D 430 13.10 25.99 -12.89
N GLU D 431 13.90 24.98 -12.56
CA GLU D 431 15.31 24.99 -12.94
C GLU D 431 15.59 24.31 -14.28
N LEU D 432 15.50 22.99 -14.29
CA LEU D 432 15.79 22.19 -15.50
C LEU D 432 14.86 22.43 -16.68
N THR D 433 14.09 23.50 -16.62
CA THR D 433 13.13 23.82 -17.68
C THR D 433 13.58 25.00 -18.53
N ALA D 434 13.58 24.79 -19.85
CA ALA D 434 14.01 25.82 -20.80
C ALA D 434 12.88 26.50 -21.55
N PRO D 435 12.84 27.84 -21.48
CA PRO D 435 11.83 28.68 -22.14
C PRO D 435 11.61 28.33 -23.62
N ASP D 436 12.67 28.42 -24.42
CA ASP D 436 12.57 28.11 -25.85
C ASP D 436 12.18 26.65 -26.13
N GLU D 437 12.75 25.73 -25.34
CA GLU D 437 12.55 24.27 -25.44
C GLU D 437 11.26 23.72 -26.06
N ASN D 438 11.44 22.71 -26.92
CA ASN D 438 10.34 22.03 -27.61
C ASN D 438 9.65 21.07 -26.65
N ILE D 439 8.37 20.84 -26.89
CA ILE D 439 7.58 19.94 -26.05
C ILE D 439 8.28 18.61 -25.79
N PRO D 440 8.60 17.85 -26.87
CA PRO D 440 9.28 16.56 -26.70
C PRO D 440 10.47 16.69 -25.77
N ALA D 441 11.25 17.74 -26.00
CA ALA D 441 12.42 18.02 -25.19
C ALA D 441 11.91 18.34 -23.80
N LYS D 442 11.03 19.33 -23.73
CA LYS D 442 10.40 19.78 -22.49
C LYS D 442 9.97 18.58 -21.67
N ILE D 443 9.32 17.63 -22.34
CA ILE D 443 8.85 16.43 -21.71
C ILE D 443 10.01 15.77 -20.99
N LEU D 444 11.02 15.42 -21.76
CA LEU D 444 12.20 14.79 -21.20
C LEU D 444 12.68 15.68 -20.04
N SER D 445 12.77 16.98 -20.31
CA SER D 445 13.20 17.97 -19.30
C SER D 445 12.42 17.76 -18.02
N TYR D 446 11.14 17.42 -18.18
CA TYR D 446 10.25 17.18 -17.05
C TYR D 446 10.66 15.95 -16.26
N ASN D 447 10.73 14.82 -16.95
CA ASN D 447 11.09 13.56 -16.30
C ASN D 447 12.37 13.68 -15.51
N ARG D 448 13.33 14.40 -16.08
CA ARG D 448 14.61 14.60 -15.44
C ARG D 448 14.42 15.27 -14.07
N ALA D 449 13.34 16.03 -13.93
CA ALA D 449 13.04 16.72 -12.68
C ALA D 449 12.71 15.72 -11.58
N ASN D 450 11.87 14.77 -11.93
CA ASN D 450 11.42 13.73 -11.01
C ASN D 450 12.53 12.81 -10.52
N ARG D 451 13.59 12.67 -11.31
CA ARG D 451 14.75 11.84 -10.95
C ARG D 451 15.32 12.40 -9.64
N ALA D 452 15.56 13.70 -9.67
CA ALA D 452 16.12 14.45 -8.55
C ALA D 452 15.28 14.25 -7.31
N VAL D 453 13.99 14.09 -7.51
CA VAL D 453 13.07 13.92 -6.40
C VAL D 453 13.31 12.62 -5.61
N ALA D 454 13.16 11.48 -6.27
CA ALA D 454 13.36 10.18 -5.61
C ALA D 454 14.81 9.99 -5.17
N ILE D 455 15.63 11.00 -5.46
CA ILE D 455 17.04 11.00 -5.11
C ILE D 455 17.28 10.88 -3.60
N LEU D 456 16.23 11.13 -2.82
CA LEU D 456 16.31 11.08 -1.36
C LEU D 456 15.50 9.97 -0.70
N CYS D 457 14.36 9.61 -1.32
CA CYS D 457 13.49 8.55 -0.79
C CYS D 457 14.20 7.19 -0.80
N ASN D 458 15.32 7.12 -1.53
CA ASN D 458 16.12 5.90 -1.67
C ASN D 458 15.34 4.88 -2.50
N HIS D 459 14.09 5.23 -2.81
CA HIS D 459 13.19 4.39 -3.60
C HIS D 459 13.95 3.81 -4.79
N ARG D 535 13.93 1.81 -20.70
CA ARG D 535 14.29 0.52 -20.04
C ARG D 535 15.76 0.15 -20.22
N GLU D 536 16.62 1.15 -20.30
CA GLU D 536 18.05 0.90 -20.45
C GLU D 536 18.81 1.30 -19.19
N GLU D 537 18.82 2.60 -18.88
CA GLU D 537 19.51 3.09 -17.69
C GLU D 537 18.68 2.76 -16.44
N ASN D 538 17.41 2.50 -16.67
CA ASN D 538 16.48 2.13 -15.61
C ASN D 538 15.91 0.74 -15.90
N LYS D 539 16.03 -0.13 -14.90
CA LYS D 539 15.53 -1.50 -14.96
C LYS D 539 15.53 -1.99 -13.52
N GLN D 540 15.53 -1.02 -12.61
CA GLN D 540 15.55 -1.26 -11.18
C GLN D 540 14.69 -0.25 -10.41
N ILE D 541 14.61 0.97 -10.94
CA ILE D 541 13.80 2.01 -10.32
C ILE D 541 12.34 1.79 -10.72
N ALA D 542 11.43 2.06 -9.76
CA ALA D 542 10.00 1.89 -9.97
C ALA D 542 9.36 3.05 -10.75
N LEU D 543 8.15 2.80 -11.27
CA LEU D 543 7.39 3.78 -12.06
C LEU D 543 6.87 4.97 -11.24
N GLY D 544 5.58 5.28 -11.41
CA GLY D 544 4.96 6.39 -10.70
C GLY D 544 5.29 6.48 -9.22
N THR D 545 4.96 5.44 -8.46
CA THR D 545 5.21 5.34 -7.01
C THR D 545 5.05 6.68 -6.28
N SER D 546 6.03 7.56 -6.44
CA SER D 546 6.02 8.91 -5.84
C SER D 546 4.82 9.64 -6.42
N LYS D 547 4.83 9.74 -7.75
CA LYS D 547 3.77 10.38 -8.52
C LYS D 547 2.44 9.80 -8.07
N LEU D 548 2.38 8.47 -8.08
CA LEU D 548 1.19 7.73 -7.69
C LEU D 548 0.43 8.38 -6.54
N ASN D 549 1.16 8.95 -5.57
CA ASN D 549 0.54 9.61 -4.42
C ASN D 549 1.48 10.35 -3.46
N LEU D 551 3.33 13.78 -4.67
CA LEU D 551 3.53 15.17 -5.03
C LEU D 551 2.25 15.78 -5.54
N ASP D 552 2.00 17.01 -5.12
CA ASP D 552 0.80 17.74 -5.53
C ASP D 552 0.78 17.86 -7.04
N PRO D 553 -0.23 17.25 -7.69
CA PRO D 553 -0.38 17.27 -9.14
C PRO D 553 -0.65 18.68 -9.67
N ARG D 554 -1.29 19.50 -8.83
CA ARG D 554 -1.58 20.88 -9.17
C ARG D 554 -0.30 21.46 -9.74
N ILE D 555 0.81 21.10 -9.13
CA ILE D 555 2.11 21.56 -9.58
C ILE D 555 2.32 21.15 -11.05
N THR D 556 2.26 19.85 -11.32
CA THR D 556 2.45 19.39 -12.69
C THR D 556 1.55 20.18 -13.62
N VAL D 557 0.30 20.33 -13.19
CA VAL D 557 -0.71 21.05 -13.96
C VAL D 557 -0.28 22.47 -14.35
N ALA D 558 -0.14 23.38 -13.37
CA ALA D 558 0.25 24.77 -13.62
C ALA D 558 1.50 24.89 -14.51
N TRP D 559 2.33 23.86 -14.47
CA TRP D 559 3.55 23.79 -15.26
C TRP D 559 3.20 23.56 -16.72
N CYS D 560 2.27 22.64 -16.96
CA CYS D 560 1.80 22.36 -18.32
C CYS D 560 1.20 23.62 -18.89
N LYS D 561 0.48 24.34 -18.04
CA LYS D 561 -0.17 25.58 -18.42
C LYS D 561 0.86 26.65 -18.74
N LYS D 562 1.72 26.92 -17.77
CA LYS D 562 2.77 27.94 -17.88
C LYS D 562 3.64 27.78 -19.09
N TRP D 563 3.55 26.62 -19.71
CA TRP D 563 4.38 26.34 -20.86
C TRP D 563 3.62 25.72 -22.02
N GLY D 564 2.31 25.57 -21.85
CA GLY D 564 1.46 24.99 -22.88
C GLY D 564 1.76 23.52 -23.21
N VAL D 565 1.78 22.68 -22.18
CA VAL D 565 2.04 21.26 -22.39
C VAL D 565 0.77 20.44 -22.29
N PRO D 566 0.33 19.85 -23.40
CA PRO D 566 -0.88 19.02 -23.40
C PRO D 566 -0.74 17.96 -22.32
N ILE D 567 -1.41 18.23 -21.21
CA ILE D 567 -1.40 17.37 -20.04
C ILE D 567 -1.41 15.87 -20.33
N GLU D 568 -2.24 15.47 -21.29
CA GLU D 568 -2.38 14.07 -21.69
C GLU D 568 -1.02 13.41 -21.83
N LYS D 569 -0.05 14.19 -22.30
CA LYS D 569 1.31 13.71 -22.49
C LYS D 569 1.87 13.06 -21.21
N ILE D 570 1.80 13.77 -20.09
CA ILE D 570 2.33 13.23 -18.83
C ILE D 570 1.30 12.36 -18.10
N TYR D 571 0.04 12.73 -18.16
CA TYR D 571 -1.01 11.96 -17.51
C TYR D 571 -1.99 11.32 -18.47
N ASN D 572 -2.15 10.00 -18.37
CA ASN D 572 -3.07 9.26 -19.21
C ASN D 572 -4.47 9.55 -18.68
N LYS D 573 -5.46 8.99 -19.36
CA LYS D 573 -6.85 9.16 -18.96
C LYS D 573 -7.05 8.75 -17.52
N THR D 574 -6.84 7.48 -17.25
CA THR D 574 -7.03 6.95 -15.91
C THR D 574 -6.37 7.76 -14.80
N GLN D 575 -5.13 8.21 -15.02
CA GLN D 575 -4.44 9.00 -14.02
C GLN D 575 -4.91 10.43 -14.06
N ARG D 576 -5.36 10.86 -15.23
CA ARG D 576 -5.88 12.21 -15.37
C ARG D 576 -7.27 12.20 -14.70
N GLU D 577 -7.93 11.05 -14.75
CA GLU D 577 -9.25 10.87 -14.16
C GLU D 577 -9.19 11.10 -12.66
N LYS D 578 -8.11 10.62 -12.05
CA LYS D 578 -7.91 10.77 -10.62
C LYS D 578 -7.68 12.22 -10.25
N PHE D 579 -7.00 12.94 -11.14
CA PHE D 579 -6.69 14.35 -10.91
C PHE D 579 -7.67 15.26 -11.61
N ALA D 580 -8.82 14.69 -11.94
CA ALA D 580 -9.87 15.43 -12.60
C ALA D 580 -10.46 16.43 -11.61
N TRP D 581 -9.75 17.53 -11.43
CA TRP D 581 -10.09 18.62 -10.55
C TRP D 581 -8.83 19.47 -10.57
N ALA D 582 -7.73 18.90 -10.10
CA ALA D 582 -6.43 19.57 -10.07
C ALA D 582 -6.26 20.19 -11.45
N ILE D 583 -6.64 19.41 -12.45
CA ILE D 583 -6.59 19.87 -13.82
C ILE D 583 -7.51 21.10 -13.87
N ASP D 584 -8.81 20.84 -13.99
CA ASP D 584 -9.82 21.88 -14.05
C ASP D 584 -9.49 23.06 -13.15
N MET D 585 -9.34 22.78 -11.86
CA MET D 585 -9.03 23.82 -10.91
C MET D 585 -7.53 24.07 -10.73
N ALA D 586 -6.97 24.88 -11.63
CA ALA D 586 -5.56 25.25 -11.60
C ALA D 586 -5.22 26.18 -12.75
N ASP D 587 -4.24 27.05 -12.51
CA ASP D 587 -3.75 28.02 -13.50
C ASP D 587 -2.24 28.00 -13.37
N GLU D 588 -1.53 28.08 -14.50
CA GLU D 588 -0.08 28.10 -14.52
C GLU D 588 0.51 28.95 -13.40
N ASP D 589 -0.32 29.86 -12.88
CA ASP D 589 0.03 30.75 -11.78
C ASP D 589 -0.16 30.05 -10.43
N TYR D 590 -0.09 28.71 -10.42
CA TYR D 590 -0.26 27.95 -9.19
C TYR D 590 1.07 27.68 -8.51
N GLU D 591 1.11 27.94 -7.21
CA GLU D 591 2.31 27.69 -6.43
C GLU D 591 1.97 26.90 -5.18
N PHE D 592 2.39 25.64 -5.16
CA PHE D 592 2.15 24.78 -3.99
C PHE D 592 2.83 25.39 -2.76
#